data_8R5B
#
_entry.id   8R5B
#
_cell.length_a   41.189
_cell.length_b   87.436
_cell.length_c   122.242
_cell.angle_alpha   90.00
_cell.angle_beta   90.00
_cell.angle_gamma   90.00
#
_symmetry.space_group_name_H-M   'P 2 21 21'
#
loop_
_entity.id
_entity.type
_entity.pdbx_description
1 polymer 'E3 ubiquitin-protein ligase TRIM7'
2 non-polymer '(2~{S})-5-azanyl-5-oxidanylidene-2-[(3-phenoxyphenyl)carbonylamino]pentanoic acid'
3 non-polymer 'ACETIC ACID'
4 water water
#
_entity_poly.entity_id   1
_entity_poly.type   'polypeptide(L)'
_entity_poly.pdbx_seq_one_letter_code
;GKEEKVELTLDPDTANPRLILSLDLKGVRLGERAQDLPNHPCRFDTNTRVLASCGFSSGRHHWEVEVGSKDGWAFGVARE
SVRRKGLTPFTPEEGVWALQLNGGQYWAVTSPERSPLSCGHLSRVRVALDLEVGAVSFYAVEDMRHLYTFRVNFQERVFP
LFSVCSTGTYLRIWP
;
_entity_poly.pdbx_strand_id   A,B
#
# COMPACT_ATOMS: atom_id res chain seq x y z
N GLU A 7 -1.25 31.74 -3.85
CA GLU A 7 -0.87 30.74 -4.89
C GLU A 7 0.10 29.74 -4.26
N LEU A 8 -0.11 28.44 -4.42
CA LEU A 8 0.80 27.47 -3.82
C LEU A 8 2.08 27.32 -4.64
N THR A 9 3.18 27.07 -3.96
CA THR A 9 4.43 26.61 -4.57
C THR A 9 5.02 25.48 -3.72
N LEU A 10 5.74 24.61 -4.42
CA LEU A 10 6.36 23.48 -3.74
C LEU A 10 7.57 23.95 -2.96
N ASP A 11 7.78 23.30 -1.82
CA ASP A 11 8.84 23.64 -0.89
C ASP A 11 10.08 22.82 -1.18
N PRO A 12 11.13 23.37 -1.82
CA PRO A 12 12.25 22.54 -2.23
C PRO A 12 12.99 21.92 -1.04
N ASP A 13 12.89 22.52 0.15
CA ASP A 13 13.59 21.98 1.33
C ASP A 13 12.92 20.71 1.82
N THR A 14 11.65 20.49 1.43
CA THR A 14 10.97 19.25 1.81
C THR A 14 11.16 18.12 0.81
N ALA A 15 11.54 18.44 -0.41
CA ALA A 15 11.44 17.47 -1.50
C ALA A 15 12.50 16.38 -1.36
N ASN A 16 12.03 15.15 -1.53
CA ASN A 16 12.92 14.01 -1.66
C ASN A 16 13.94 14.31 -2.75
N PRO A 17 15.22 14.00 -2.55
CA PRO A 17 16.24 14.30 -3.56
C PRO A 17 16.10 13.69 -4.95
N ARG A 18 15.26 12.68 -5.10
CA ARG A 18 15.05 12.10 -6.46
C ARG A 18 13.99 12.88 -7.26
N LEU A 19 13.22 13.72 -6.58
CA LEU A 19 12.21 14.49 -7.25
C LEU A 19 12.90 15.61 -8.01
N ILE A 20 12.25 16.00 -9.10
CA ILE A 20 12.64 17.15 -9.86
C ILE A 20 11.51 18.14 -9.75
N LEU A 21 11.81 19.32 -9.18
CA LEU A 21 10.81 20.37 -9.07
C LEU A 21 11.00 21.31 -10.25
N SER A 22 9.89 21.76 -10.81
CA SER A 22 9.96 22.62 -12.00
C SER A 22 10.56 23.98 -11.63
N LEU A 23 11.02 24.70 -12.63
CA LEU A 23 11.57 26.04 -12.44
C LEU A 23 10.59 26.93 -11.65
N ASP A 24 9.29 26.85 -11.96
CA ASP A 24 8.30 27.70 -11.31
C ASP A 24 7.83 27.13 -9.96
N LEU A 25 8.35 25.96 -9.58
CA LEU A 25 8.04 25.30 -8.32
C LEU A 25 6.56 24.92 -8.23
N LYS A 26 5.89 24.73 -9.37
CA LYS A 26 4.55 24.20 -9.39
C LYS A 26 4.50 22.73 -9.74
N GLY A 27 5.55 22.20 -10.40
CA GLY A 27 5.50 20.88 -10.96
C GLY A 27 6.51 19.95 -10.31
N VAL A 28 6.14 18.67 -10.25
CA VAL A 28 7.04 17.66 -9.74
C VAL A 28 6.93 16.38 -10.56
N ARG A 29 8.10 15.78 -10.80
CA ARG A 29 8.20 14.44 -11.35
C ARG A 29 9.34 13.73 -10.65
N LEU A 30 9.41 12.43 -10.84
CA LEU A 30 10.51 11.65 -10.29
C LEU A 30 11.61 11.51 -11.36
N GLY A 31 12.84 11.82 -10.96
CA GLY A 31 13.98 11.60 -11.81
C GLY A 31 14.77 10.38 -11.42
N GLU A 32 15.87 10.16 -12.14
CA GLU A 32 16.72 9.02 -11.91
C GLU A 32 17.82 9.40 -10.93
N ARG A 33 18.11 10.71 -10.83
CA ARG A 33 19.26 11.19 -10.07
C ARG A 33 18.87 11.56 -8.66
N ALA A 34 19.67 11.09 -7.70
CA ALA A 34 19.57 11.58 -6.33
C ALA A 34 20.35 12.88 -6.21
N GLN A 35 19.66 14.01 -6.09
CA GLN A 35 20.33 15.27 -5.98
C GLN A 35 21.07 15.35 -4.65
N ASP A 36 22.16 16.10 -4.68
CA ASP A 36 22.93 16.40 -3.48
C ASP A 36 22.33 17.64 -2.83
N LEU A 37 21.47 17.43 -1.83
CA LEU A 37 20.75 18.51 -1.16
C LEU A 37 21.05 18.53 0.33
N PRO A 38 20.91 19.70 1.01
CA PRO A 38 21.08 19.75 2.47
C PRO A 38 20.10 18.84 3.21
N ASN A 39 20.55 18.20 4.29
CA ASN A 39 19.74 17.22 4.98
C ASN A 39 18.88 17.91 6.04
N HIS A 40 18.00 18.80 5.58
CA HIS A 40 17.13 19.50 6.48
C HIS A 40 16.18 18.53 7.16
N PRO A 41 15.80 18.70 8.45
CA PRO A 41 14.84 17.79 9.05
C PRO A 41 13.50 17.72 8.31
N CYS A 42 13.17 18.77 7.56
CA CYS A 42 11.82 18.77 6.92
C CYS A 42 11.83 17.96 5.61
N ARG A 43 13.03 17.52 5.23
CA ARG A 43 13.14 16.81 3.93
C ARG A 43 12.71 15.35 4.03
N PHE A 44 11.87 14.94 3.09
CA PHE A 44 11.51 13.51 2.97
C PHE A 44 12.74 12.82 2.40
N ASP A 45 13.39 11.97 3.20
CA ASP A 45 14.69 11.47 2.77
C ASP A 45 14.53 10.16 1.98
N THR A 46 13.36 9.53 2.05
CA THR A 46 13.17 8.26 1.41
C THR A 46 11.89 8.23 0.60
N ASN A 47 10.77 8.58 1.23
CA ASN A 47 9.52 8.62 0.48
C ASN A 47 9.57 9.76 -0.54
N THR A 48 8.88 9.60 -1.68
CA THR A 48 9.08 10.49 -2.81
C THR A 48 8.10 11.66 -2.75
N ARG A 49 8.18 12.42 -1.66
CA ARG A 49 7.18 13.42 -1.31
C ARG A 49 7.80 14.81 -1.29
N VAL A 50 6.90 15.77 -1.40
CA VAL A 50 7.22 17.18 -1.27
C VAL A 50 5.93 17.87 -0.82
N LEU A 51 6.08 18.89 0.02
CA LEU A 51 4.95 19.66 0.49
C LEU A 51 4.99 21.03 -0.18
N ALA A 52 3.84 21.71 -0.15
CA ALA A 52 3.84 23.13 -0.47
C ALA A 52 4.57 23.89 0.63
N SER A 53 4.97 25.13 0.31
CA SER A 53 5.73 25.92 1.26
CA SER A 53 5.73 25.94 1.25
C SER A 53 4.85 26.40 2.42
N CYS A 54 3.55 26.51 2.18
CA CYS A 54 2.64 27.05 3.18
C CYS A 54 1.56 26.04 3.51
N GLY A 55 1.27 26.02 4.81
CA GLY A 55 0.24 25.18 5.34
C GLY A 55 -0.87 26.01 5.98
N PHE A 56 -1.93 25.33 6.36
CA PHE A 56 -3.13 26.03 6.80
C PHE A 56 -3.53 25.53 8.19
N SER A 57 -3.99 26.43 9.04
CA SER A 57 -4.45 26.10 10.40
C SER A 57 -5.94 26.27 10.61
N SER A 58 -6.57 27.11 9.78
CA SER A 58 -7.99 27.36 9.88
C SER A 58 -8.53 27.78 8.50
N GLY A 59 -9.87 27.82 8.41
CA GLY A 59 -10.59 28.28 7.25
C GLY A 59 -10.65 27.21 6.15
N ARG A 60 -11.09 27.69 5.00
CA ARG A 60 -11.31 26.87 3.83
C ARG A 60 -10.32 27.33 2.77
N HIS A 61 -9.73 26.37 2.06
CA HIS A 61 -8.71 26.65 1.09
C HIS A 61 -8.87 25.61 -0.01
N HIS A 62 -8.59 26.02 -1.24
CA HIS A 62 -8.65 25.12 -2.35
C HIS A 62 -7.52 25.42 -3.30
N TRP A 63 -7.20 24.41 -4.08
CA TRP A 63 -6.22 24.49 -5.15
C TRP A 63 -6.51 23.39 -6.16
N GLU A 64 -5.79 23.44 -7.25
CA GLU A 64 -5.99 22.49 -8.34
C GLU A 64 -4.67 21.84 -8.64
N VAL A 65 -4.77 20.56 -8.99
CA VAL A 65 -3.61 19.75 -9.35
C VAL A 65 -3.85 19.10 -10.70
N GLU A 66 -2.99 19.39 -11.67
CA GLU A 66 -2.94 18.72 -12.94
C GLU A 66 -2.20 17.40 -12.75
N VAL A 67 -2.77 16.30 -13.24
CA VAL A 67 -2.26 14.98 -12.91
C VAL A 67 -1.91 14.25 -14.22
N GLY A 68 -0.82 13.51 -14.16
CA GLY A 68 -0.43 12.67 -15.28
C GLY A 68 -1.37 11.47 -15.45
N SER A 69 -1.39 10.92 -16.66
CA SER A 69 -2.22 9.78 -16.98
CA SER A 69 -2.22 9.78 -16.97
C SER A 69 -1.57 8.48 -16.53
N LYS A 70 -0.24 8.49 -16.33
CA LYS A 70 0.46 7.27 -15.98
C LYS A 70 0.56 7.13 -14.46
N ASP A 71 0.67 5.88 -14.03
CA ASP A 71 0.77 5.50 -12.63
C ASP A 71 1.92 6.23 -11.93
N GLY A 72 1.73 6.47 -10.62
CA GLY A 72 2.86 6.77 -9.77
C GLY A 72 2.67 7.95 -8.86
N TRP A 73 1.55 8.67 -9.00
CA TRP A 73 1.36 9.85 -8.18
C TRP A 73 0.35 9.61 -7.08
N ALA A 74 0.46 10.49 -6.07
CA ALA A 74 -0.49 10.62 -4.99
C ALA A 74 -0.41 12.05 -4.51
N PHE A 75 -1.55 12.59 -4.09
CA PHE A 75 -1.54 13.97 -3.62
C PHE A 75 -2.74 14.17 -2.73
N GLY A 76 -2.61 15.18 -1.89
CA GLY A 76 -3.70 15.65 -1.09
C GLY A 76 -3.15 16.55 -0.01
N VAL A 77 -3.30 16.16 1.26
CA VAL A 77 -2.78 16.95 2.36
C VAL A 77 -2.09 16.05 3.37
N ALA A 78 -1.19 16.67 4.12
CA ALA A 78 -0.52 16.00 5.22
C ALA A 78 -0.47 16.93 6.42
N ARG A 79 -0.55 16.36 7.60
CA ARG A 79 -0.30 17.18 8.80
C ARG A 79 1.20 17.44 8.92
N GLU A 80 1.58 18.60 9.47
CA GLU A 80 2.99 18.99 9.54
C GLU A 80 3.83 17.87 10.15
N SER A 81 3.27 17.18 11.15
CA SER A 81 4.01 16.19 11.89
C SER A 81 4.20 14.90 11.11
N VAL A 82 3.74 14.85 9.87
CA VAL A 82 4.04 13.68 9.06
C VAL A 82 5.54 13.44 9.12
N ARG A 83 5.90 12.20 9.31
CA ARG A 83 7.29 11.85 9.49
C ARG A 83 8.05 11.97 8.17
N ARG A 84 9.23 12.58 8.25
CA ARG A 84 10.04 12.92 7.10
C ARG A 84 11.11 11.85 6.84
N LYS A 85 11.54 11.10 7.87
CA LYS A 85 12.74 10.30 7.76
C LYS A 85 12.37 8.84 7.78
N GLY A 86 13.01 8.14 6.87
CA GLY A 86 12.79 6.74 6.64
C GLY A 86 11.59 6.54 5.74
N LEU A 87 11.39 5.28 5.40
CA LEU A 87 10.18 4.92 4.70
C LEU A 87 9.04 4.89 5.71
N THR A 88 8.03 5.72 5.50
CA THR A 88 6.90 5.83 6.38
C THR A 88 5.64 5.49 5.61
N PRO A 89 4.65 4.90 6.26
CA PRO A 89 3.45 4.47 5.53
C PRO A 89 2.70 5.66 5.01
N PHE A 90 2.07 5.44 3.86
CA PHE A 90 1.28 6.46 3.20
C PHE A 90 -0.14 6.20 3.60
N THR A 91 -0.51 6.66 4.81
CA THR A 91 -1.83 6.34 5.32
C THR A 91 -2.38 7.46 6.18
N PRO A 92 -3.70 7.50 6.38
CA PRO A 92 -4.30 8.52 7.24
C PRO A 92 -3.74 8.52 8.66
N GLU A 93 -3.53 7.33 9.23
CA GLU A 93 -2.93 7.23 10.56
C GLU A 93 -1.56 7.90 10.66
N GLU A 94 -0.83 7.89 9.54
CA GLU A 94 0.52 8.52 9.50
C GLU A 94 0.42 9.97 9.05
N GLY A 95 -0.79 10.44 8.84
CA GLY A 95 -0.97 11.87 8.65
C GLY A 95 -1.01 12.29 7.19
N VAL A 96 -1.39 11.38 6.32
CA VAL A 96 -1.56 11.73 4.91
CA VAL A 96 -1.53 11.63 4.90
C VAL A 96 -2.96 11.33 4.45
N TRP A 97 -3.62 12.28 3.78
CA TRP A 97 -4.98 12.10 3.24
C TRP A 97 -4.93 12.45 1.75
N ALA A 98 -4.95 11.39 0.93
CA ALA A 98 -4.57 11.55 -0.46
C ALA A 98 -5.33 10.62 -1.39
N LEU A 99 -5.36 11.05 -2.65
CA LEU A 99 -5.71 10.18 -3.75
C LEU A 99 -4.45 9.70 -4.44
N GLN A 100 -4.58 8.58 -5.14
CA GLN A 100 -3.44 7.94 -5.76
C GLN A 100 -3.86 7.28 -7.07
N LEU A 101 -2.95 7.27 -8.03
CA LEU A 101 -3.13 6.46 -9.23
C LEU A 101 -2.13 5.31 -9.21
N ASN A 102 -2.66 4.07 -9.21
CA ASN A 102 -1.90 2.83 -9.26
C ASN A 102 -2.71 1.74 -9.97
N GLY A 103 -2.13 1.03 -10.99
CA GLY A 103 -2.81 -0.06 -11.73
C GLY A 103 -3.87 0.52 -12.66
N GLY A 104 -3.61 1.73 -13.13
CA GLY A 104 -4.53 2.37 -14.05
C GLY A 104 -5.83 2.73 -13.37
N GLN A 105 -5.82 2.63 -12.03
CA GLN A 105 -7.00 2.94 -11.25
C GLN A 105 -6.73 3.95 -10.16
N TYR A 106 -7.79 4.64 -9.87
CA TYR A 106 -7.72 5.75 -8.92
C TYR A 106 -8.20 5.26 -7.57
N TRP A 107 -7.51 5.72 -6.54
CA TRP A 107 -7.77 5.30 -5.17
C TRP A 107 -7.84 6.49 -4.24
N ALA A 108 -8.68 6.38 -3.21
CA ALA A 108 -8.45 7.14 -2.00
C ALA A 108 -7.61 6.23 -1.13
N VAL A 109 -6.55 6.77 -0.56
CA VAL A 109 -5.61 5.92 0.15
C VAL A 109 -6.05 5.79 1.60
N THR A 110 -7.05 4.94 1.78
CA THR A 110 -7.50 4.47 3.07
C THR A 110 -6.70 3.23 3.45
N SER A 111 -6.76 2.83 4.71
CA SER A 111 -5.96 1.73 5.21
C SER A 111 -6.78 1.00 6.24
N PRO A 112 -6.76 -0.35 6.28
CA PRO A 112 -5.79 -1.16 5.54
C PRO A 112 -6.19 -1.51 4.10
N GLU A 113 -7.38 -1.06 3.68
CA GLU A 113 -7.82 -1.31 2.29
C GLU A 113 -7.96 0.01 1.54
N ARG A 114 -7.27 0.12 0.42
CA ARG A 114 -7.46 1.31 -0.42
C ARG A 114 -8.88 1.29 -0.95
N SER A 115 -9.42 2.48 -1.22
CA SER A 115 -10.80 2.63 -1.65
C SER A 115 -10.80 2.98 -3.12
N PRO A 116 -11.41 2.14 -3.98
CA PRO A 116 -11.43 2.48 -5.41
C PRO A 116 -12.39 3.61 -5.67
N LEU A 117 -12.01 4.56 -6.52
CA LEU A 117 -12.93 5.64 -6.89
C LEU A 117 -13.83 5.32 -8.07
N SER A 118 -13.39 4.46 -8.97
CA SER A 118 -14.22 4.13 -10.16
C SER A 118 -14.70 5.39 -10.89
N CYS A 119 -13.81 6.39 -11.00
CA CYS A 119 -14.19 7.73 -11.40
C CYS A 119 -13.89 8.00 -12.87
N GLY A 120 -13.17 7.09 -13.53
CA GLY A 120 -12.76 7.34 -14.90
C GLY A 120 -11.59 8.33 -14.92
N HIS A 121 -11.11 8.60 -16.13
CA HIS A 121 -9.88 9.34 -16.31
C HIS A 121 -9.97 10.73 -15.68
N LEU A 122 -8.89 11.11 -14.97
CA LEU A 122 -8.75 12.44 -14.39
C LEU A 122 -7.64 13.22 -15.08
N SER A 123 -7.88 14.52 -15.31
CA SER A 123 -6.86 15.40 -15.85
CA SER A 123 -6.87 15.40 -15.85
C SER A 123 -6.44 16.46 -14.84
N ARG A 124 -7.43 17.00 -14.12
CA ARG A 124 -7.14 18.05 -13.14
C ARG A 124 -8.12 17.86 -12.01
N VAL A 125 -7.62 17.99 -10.77
CA VAL A 125 -8.40 17.73 -9.60
C VAL A 125 -8.35 18.95 -8.69
N ARG A 126 -9.54 19.29 -8.19
CA ARG A 126 -9.65 20.38 -7.23
C ARG A 126 -9.63 19.75 -5.83
N VAL A 127 -8.77 20.27 -4.98
CA VAL A 127 -8.68 19.88 -3.58
C VAL A 127 -9.25 21.02 -2.75
N ALA A 128 -10.23 20.69 -1.91
CA ALA A 128 -10.90 21.60 -1.02
C ALA A 128 -10.63 21.14 0.41
N LEU A 129 -9.86 21.94 1.12
CA LEU A 129 -9.55 21.68 2.51
C LEU A 129 -10.41 22.58 3.36
N ASP A 130 -11.14 21.95 4.27
CA ASP A 130 -12.04 22.63 5.17
C ASP A 130 -11.59 22.38 6.60
N LEU A 131 -10.89 23.37 7.19
CA LEU A 131 -10.36 23.19 8.53
C LEU A 131 -11.33 23.68 9.59
N GLU A 132 -12.50 24.16 9.18
CA GLU A 132 -13.52 24.48 10.17
C GLU A 132 -14.28 23.19 10.48
N VAL A 133 -14.72 22.50 9.42
CA VAL A 133 -15.43 21.24 9.57
C VAL A 133 -14.47 20.10 9.87
N GLY A 134 -13.31 20.11 9.26
CA GLY A 134 -12.41 18.98 9.32
C GLY A 134 -12.64 17.99 8.19
N ALA A 135 -12.38 18.47 6.98
CA ALA A 135 -12.57 17.65 5.80
C ALA A 135 -11.58 18.01 4.73
N VAL A 136 -11.24 17.04 3.89
CA VAL A 136 -10.56 17.38 2.65
C VAL A 136 -11.23 16.59 1.52
N SER A 137 -11.67 17.34 0.50
CA SER A 137 -12.45 16.77 -0.59
C SER A 137 -11.73 16.99 -1.91
N PHE A 138 -12.01 16.07 -2.85
CA PHE A 138 -11.40 16.06 -4.14
C PHE A 138 -12.52 16.00 -5.18
N TYR A 139 -12.34 16.77 -6.23
CA TYR A 139 -13.30 16.90 -7.34
C TYR A 139 -12.57 16.83 -8.67
N ALA A 140 -13.17 16.20 -9.70
CA ALA A 140 -12.62 16.26 -11.04
C ALA A 140 -13.00 17.61 -11.65
N VAL A 141 -12.04 18.36 -12.18
CA VAL A 141 -12.32 19.75 -12.58
C VAL A 141 -13.21 19.80 -13.82
N GLU A 142 -13.14 18.78 -14.68
CA GLU A 142 -13.87 18.82 -15.93
C GLU A 142 -15.34 19.09 -15.66
N ASP A 143 -15.92 18.34 -14.72
CA ASP A 143 -17.36 18.41 -14.50
C ASP A 143 -17.67 18.53 -13.01
N MET A 144 -16.64 18.73 -12.18
CA MET A 144 -16.76 18.87 -10.73
C MET A 144 -17.43 17.68 -10.07
N ARG A 145 -17.32 16.49 -10.65
CA ARG A 145 -17.86 15.34 -9.94
C ARG A 145 -17.00 15.10 -8.69
N HIS A 146 -17.67 14.65 -7.62
CA HIS A 146 -17.06 14.44 -6.33
C HIS A 146 -16.35 13.12 -6.36
N LEU A 147 -15.07 13.14 -6.02
CA LEU A 147 -14.27 11.93 -6.04
C LEU A 147 -14.24 11.29 -4.68
N TYR A 148 -13.94 12.08 -3.66
CA TYR A 148 -13.75 11.53 -2.32
C TYR A 148 -13.69 12.66 -1.32
N THR A 149 -14.11 12.36 -0.07
CA THR A 149 -13.89 13.25 1.05
C THR A 149 -13.39 12.43 2.25
N PHE A 150 -12.30 12.88 2.86
CA PHE A 150 -11.86 12.38 4.14
C PHE A 150 -12.35 13.36 5.19
N ARG A 151 -12.93 12.82 6.26
CA ARG A 151 -13.34 13.59 7.41
C ARG A 151 -12.31 13.33 8.50
N VAL A 152 -11.73 14.42 9.03
CA VAL A 152 -10.57 14.34 9.90
C VAL A 152 -10.70 15.38 11.02
N ASN A 153 -10.32 14.93 12.22
CA ASN A 153 -10.14 15.82 13.34
C ASN A 153 -8.75 16.45 13.26
N PHE A 154 -8.54 17.35 12.30
CA PHE A 154 -7.25 18.00 12.15
C PHE A 154 -6.92 18.79 13.41
N GLN A 155 -5.68 18.65 13.89
CA GLN A 155 -5.29 19.32 15.14
C GLN A 155 -3.99 20.09 15.01
N GLU A 156 -3.48 20.16 13.81
CA GLU A 156 -2.32 20.99 13.56
C GLU A 156 -2.35 21.55 12.16
N ARG A 157 -1.26 22.21 11.78
CA ARG A 157 -1.18 22.81 10.46
C ARG A 157 -1.17 21.71 9.42
N VAL A 158 -1.87 21.95 8.33
CA VAL A 158 -2.07 20.98 7.28
C VAL A 158 -1.51 21.53 5.99
N PHE A 159 -0.72 20.73 5.32
CA PHE A 159 0.03 21.18 4.16
C PHE A 159 -0.42 20.40 2.93
N PRO A 160 -0.54 21.07 1.79
CA PRO A 160 -0.66 20.32 0.52
C PRO A 160 0.54 19.38 0.36
N LEU A 161 0.23 18.15 -0.05
CA LEU A 161 1.18 17.06 -0.21
C LEU A 161 1.16 16.57 -1.64
N PHE A 162 2.35 16.23 -2.13
CA PHE A 162 2.51 15.65 -3.46
C PHE A 162 3.52 14.53 -3.40
N SER A 163 3.26 13.47 -4.13
CA SER A 163 4.19 12.35 -4.16
C SER A 163 4.22 11.76 -5.54
N VAL A 164 5.43 11.42 -6.01
CA VAL A 164 5.58 10.83 -7.32
C VAL A 164 6.64 9.75 -7.22
N CYS A 165 6.21 8.48 -7.29
CA CYS A 165 7.12 7.40 -6.95
C CYS A 165 7.51 6.56 -8.17
N SER A 166 7.12 7.01 -9.37
CA SER A 166 7.48 6.39 -10.63
CA SER A 166 7.51 6.40 -10.62
C SER A 166 7.87 7.47 -11.64
N THR A 167 8.81 7.17 -12.50
CA THR A 167 9.12 8.04 -13.62
C THR A 167 7.92 7.99 -14.57
N GLY A 168 7.79 9.01 -15.40
CA GLY A 168 6.78 8.93 -16.44
C GLY A 168 5.43 9.50 -16.06
N THR A 169 5.30 10.04 -14.86
CA THR A 169 4.10 10.75 -14.48
C THR A 169 4.52 12.05 -13.82
N TYR A 170 3.53 12.86 -13.49
CA TYR A 170 3.81 14.13 -12.88
C TYR A 170 2.58 14.61 -12.12
N LEU A 171 2.81 15.64 -11.32
CA LEU A 171 1.77 16.44 -10.70
C LEU A 171 2.19 17.89 -10.91
N ARG A 172 1.22 18.77 -11.09
CA ARG A 172 1.52 20.18 -11.22
C ARG A 172 0.38 21.00 -10.63
N ILE A 173 0.76 21.95 -9.79
CA ILE A 173 -0.19 22.88 -9.23
C ILE A 173 -0.66 23.81 -10.34
N TRP A 174 -1.97 24.01 -10.45
CA TRP A 174 -2.56 24.71 -11.59
C TRP A 174 -3.34 25.88 -11.03
N PRO A 175 -3.22 27.06 -11.62
CA PRO A 175 -4.13 28.16 -11.29
C PRO A 175 -5.60 27.79 -11.61
N GLU B 7 0.20 -30.67 3.46
CA GLU B 7 0.62 -30.99 4.84
C GLU B 7 1.01 -29.67 5.55
N LEU B 8 0.65 -28.48 5.02
CA LEU B 8 0.88 -27.24 5.78
C LEU B 8 -0.24 -26.99 6.77
N THR B 9 0.14 -26.45 7.93
CA THR B 9 -0.81 -25.93 8.91
C THR B 9 -0.33 -24.54 9.36
N LEU B 10 -1.30 -23.73 9.73
CA LEU B 10 -1.00 -22.41 10.24
C LEU B 10 -0.44 -22.52 11.66
N ASP B 11 0.49 -21.62 11.96
CA ASP B 11 1.21 -21.61 13.22
C ASP B 11 0.52 -20.66 14.16
N PRO B 12 -0.23 -21.15 15.16
CA PRO B 12 -1.00 -20.23 15.98
C PRO B 12 -0.12 -19.29 16.80
N ASP B 13 1.15 -19.64 17.01
CA ASP B 13 2.04 -18.76 17.76
C ASP B 13 2.43 -17.52 16.96
N THR B 14 2.29 -17.59 15.64
CA THR B 14 2.60 -16.45 14.81
C THR B 14 1.41 -15.53 14.55
N ALA B 15 0.20 -16.02 14.80
CA ALA B 15 -0.99 -15.34 14.32
C ALA B 15 -1.27 -14.09 15.11
N ASN B 16 -1.52 -13.01 14.38
CA ASN B 16 -2.07 -11.80 14.97
C ASN B 16 -3.29 -12.15 15.81
N PRO B 17 -3.43 -11.59 17.01
CA PRO B 17 -4.57 -11.94 17.87
C PRO B 17 -5.99 -11.66 17.36
N ARG B 18 -6.12 -10.88 16.30
CA ARG B 18 -7.46 -10.60 15.73
C ARG B 18 -7.85 -11.67 14.71
N LEU B 19 -6.88 -12.48 14.29
CA LEU B 19 -7.20 -13.57 13.39
C LEU B 19 -7.89 -14.69 14.14
N ILE B 20 -8.75 -15.38 13.40
CA ILE B 20 -9.37 -16.61 13.85
C ILE B 20 -8.85 -17.73 12.96
N LEU B 21 -8.18 -18.70 13.57
CA LEU B 21 -7.67 -19.86 12.86
C LEU B 21 -8.68 -20.97 13.04
N SER B 22 -8.87 -21.73 11.98
CA SER B 22 -9.85 -22.81 12.01
C SER B 22 -9.38 -23.94 12.93
N LEU B 23 -10.32 -24.81 13.31
CA LEU B 23 -9.99 -25.93 14.19
C LEU B 23 -8.85 -26.76 13.62
N ASP B 24 -8.87 -26.99 12.31
CA ASP B 24 -7.86 -27.84 11.67
C ASP B 24 -6.59 -27.05 11.30
N LEU B 25 -6.55 -25.76 11.62
CA LEU B 25 -5.41 -24.89 11.39
C LEU B 25 -5.08 -24.78 9.90
N LYS B 26 -6.11 -24.89 9.05
CA LYS B 26 -5.92 -24.67 7.63
C LYS B 26 -6.48 -23.32 7.22
N GLY B 27 -7.47 -22.82 7.95
CA GLY B 27 -8.22 -21.64 7.54
C GLY B 27 -7.93 -20.44 8.43
N VAL B 28 -8.05 -19.26 7.84
CA VAL B 28 -7.91 -17.99 8.57
C VAL B 28 -8.90 -16.95 8.07
N ARG B 29 -9.44 -16.24 9.06
CA ARG B 29 -10.24 -15.05 8.76
C ARG B 29 -9.91 -14.01 9.83
N LEU B 30 -10.34 -12.78 9.60
CA LEU B 30 -10.22 -11.72 10.58
C LEU B 30 -11.50 -11.61 11.40
N GLY B 31 -11.36 -11.56 12.71
CA GLY B 31 -12.49 -11.34 13.60
C GLY B 31 -12.44 -9.94 14.19
N GLU B 32 -13.40 -9.68 15.08
CA GLU B 32 -13.49 -8.37 15.72
C GLU B 32 -12.73 -8.38 17.03
N ARG B 33 -12.47 -9.57 17.57
CA ARG B 33 -11.92 -9.68 18.92
C ARG B 33 -10.42 -9.85 18.92
N ALA B 34 -9.73 -9.11 19.80
CA ALA B 34 -8.33 -9.34 20.04
C ALA B 34 -8.19 -10.45 21.07
N GLN B 35 -7.75 -11.65 20.66
CA GLN B 35 -7.59 -12.72 21.60
C GLN B 35 -6.45 -12.39 22.56
N ASP B 36 -6.60 -12.94 23.76
CA ASP B 36 -5.57 -12.88 24.79
C ASP B 36 -4.59 -14.02 24.57
N LEU B 37 -3.47 -13.72 23.91
CA LEU B 37 -2.49 -14.72 23.54
C LEU B 37 -1.11 -14.37 24.11
N PRO B 38 -0.24 -15.37 24.36
CA PRO B 38 1.14 -15.09 24.78
C PRO B 38 1.92 -14.24 23.76
N ASN B 39 2.74 -13.32 24.23
CA ASN B 39 3.43 -12.36 23.37
C ASN B 39 4.75 -12.93 22.88
N HIS B 40 4.65 -14.05 22.18
CA HIS B 40 5.83 -14.71 21.66
C HIS B 40 6.51 -13.79 20.65
N PRO B 41 7.86 -13.83 20.55
CA PRO B 41 8.55 -12.98 19.56
C PRO B 41 8.10 -13.27 18.14
N CYS B 42 7.65 -14.49 17.85
CA CYS B 42 7.26 -14.79 16.48
C CYS B 42 5.89 -14.22 16.11
N ARG B 43 5.10 -13.78 17.07
CA ARG B 43 3.74 -13.36 16.78
C ARG B 43 3.72 -11.98 16.11
N PHE B 44 2.95 -11.87 15.02
CA PHE B 44 2.66 -10.59 14.41
C PHE B 44 1.73 -9.86 15.33
N ASP B 45 2.19 -8.75 15.91
CA ASP B 45 1.39 -8.15 16.95
C ASP B 45 0.48 -7.06 16.38
N THR B 46 0.69 -6.62 15.14
CA THR B 46 -0.13 -5.56 14.60
C THR B 46 -0.62 -5.86 13.20
N ASN B 47 0.28 -6.29 12.30
CA ASN B 47 -0.17 -6.71 10.97
C ASN B 47 -0.95 -8.02 11.11
N THR B 48 -1.91 -8.21 10.22
CA THR B 48 -2.91 -9.26 10.34
C THR B 48 -2.43 -10.55 9.64
N ARG B 49 -1.29 -11.04 10.10
CA ARG B 49 -0.55 -12.09 9.43
C ARG B 49 -0.44 -13.34 10.30
N VAL B 50 -0.20 -14.45 9.60
CA VAL B 50 0.11 -15.74 10.19
C VAL B 50 0.96 -16.48 9.20
N LEU B 51 1.89 -17.29 9.71
CA LEU B 51 2.71 -18.13 8.87
C LEU B 51 2.27 -19.58 9.07
N ALA B 52 2.65 -20.43 8.13
CA ALA B 52 2.64 -21.86 8.37
C ALA B 52 3.68 -22.22 9.43
N SER B 53 3.49 -23.40 10.02
CA SER B 53 4.37 -23.87 11.08
CA SER B 53 4.37 -23.86 11.07
C SER B 53 5.75 -24.22 10.55
N CYS B 54 5.83 -24.57 9.27
CA CYS B 54 7.06 -25.06 8.67
C CYS B 54 7.44 -24.18 7.51
N GLY B 55 8.74 -23.99 7.38
CA GLY B 55 9.30 -23.19 6.31
C GLY B 55 10.35 -24.01 5.60
N PHE B 56 10.86 -23.46 4.51
CA PHE B 56 11.65 -24.23 3.58
C PHE B 56 12.96 -23.52 3.30
N SER B 57 14.07 -24.29 3.25
CA SER B 57 15.39 -23.73 2.95
C SER B 57 15.94 -24.16 1.61
N SER B 58 15.42 -25.24 1.03
CA SER B 58 15.87 -25.67 -0.28
C SER B 58 14.75 -26.46 -0.97
N GLY B 59 14.97 -26.69 -2.27
CA GLY B 59 14.09 -27.50 -3.08
C GLY B 59 12.83 -26.75 -3.49
N ARG B 60 11.90 -27.54 -4.01
CA ARG B 60 10.67 -27.04 -4.56
C ARG B 60 9.52 -27.53 -3.69
N HIS B 61 8.58 -26.62 -3.43
CA HIS B 61 7.47 -26.92 -2.54
C HIS B 61 6.27 -26.21 -3.12
N HIS B 62 5.11 -26.84 -2.97
CA HIS B 62 3.91 -26.17 -3.44
C HIS B 62 2.76 -26.46 -2.50
N TRP B 63 1.79 -25.57 -2.55
CA TRP B 63 0.57 -25.69 -1.80
C TRP B 63 -0.52 -24.89 -2.51
N GLU B 64 -1.74 -25.14 -2.07
CA GLU B 64 -2.87 -24.45 -2.66
C GLU B 64 -3.60 -23.68 -1.59
N VAL B 65 -4.14 -22.57 -2.01
CA VAL B 65 -4.86 -21.64 -1.11
C VAL B 65 -6.21 -21.30 -1.76
N GLU B 66 -7.25 -21.63 -0.99
CA GLU B 66 -8.63 -21.24 -1.36
C GLU B 66 -8.81 -19.79 -0.89
N VAL B 67 -9.35 -18.97 -1.76
CA VAL B 67 -9.42 -17.54 -1.50
C VAL B 67 -10.86 -17.04 -1.54
N GLY B 68 -11.15 -16.13 -0.62
CA GLY B 68 -12.46 -15.49 -0.61
C GLY B 68 -12.65 -14.52 -1.75
N SER B 69 -13.92 -14.24 -2.04
CA SER B 69 -14.25 -13.36 -3.16
CA SER B 69 -14.25 -13.36 -3.16
C SER B 69 -14.19 -11.91 -2.73
N LYS B 70 -14.29 -11.65 -1.43
CA LYS B 70 -14.27 -10.29 -0.90
C LYS B 70 -12.85 -9.83 -0.58
N ASP B 71 -12.67 -8.52 -0.65
CA ASP B 71 -11.42 -7.84 -0.37
C ASP B 71 -10.85 -8.18 1.01
N GLY B 72 -9.51 -8.17 1.08
CA GLY B 72 -8.86 -8.11 2.37
C GLY B 72 -7.77 -9.14 2.58
N TRP B 73 -7.53 -10.02 1.63
CA TRP B 73 -6.52 -11.03 1.82
C TRP B 73 -5.27 -10.72 1.01
N ALA B 74 -4.19 -11.33 1.47
CA ALA B 74 -2.91 -11.39 0.79
C ALA B 74 -2.24 -12.69 1.24
N PHE B 75 -1.47 -13.29 0.36
CA PHE B 75 -0.78 -14.50 0.74
C PHE B 75 0.37 -14.71 -0.21
N GLY B 76 1.31 -15.52 0.24
CA GLY B 76 2.44 -15.87 -0.56
C GLY B 76 3.48 -16.52 0.33
N VAL B 77 4.67 -15.89 0.36
CA VAL B 77 5.72 -16.37 1.22
C VAL B 77 6.39 -15.18 1.86
N ALA B 78 7.06 -15.49 2.98
CA ALA B 78 7.82 -14.49 3.73
C ALA B 78 9.11 -15.15 4.18
N ARG B 79 10.19 -14.37 4.19
CA ARG B 79 11.40 -14.87 4.80
C ARG B 79 11.21 -14.87 6.32
N GLU B 80 11.88 -15.79 7.02
CA GLU B 80 11.72 -15.91 8.47
C GLU B 80 11.94 -14.58 9.17
N SER B 81 12.89 -13.81 8.63
CA SER B 81 13.31 -12.55 9.27
C SER B 81 12.26 -11.45 9.10
N VAL B 82 11.17 -11.79 8.42
CA VAL B 82 10.10 -10.78 8.34
C VAL B 82 9.83 -10.27 9.75
N ARG B 83 9.73 -8.95 9.84
CA ARG B 83 9.52 -8.34 11.17
C ARG B 83 8.11 -8.62 11.67
N ARG B 84 8.02 -8.97 12.95
CA ARG B 84 6.73 -9.36 13.54
C ARG B 84 6.11 -8.24 14.38
N LYS B 85 6.91 -7.23 14.77
CA LYS B 85 6.39 -6.27 15.74
C LYS B 85 6.25 -4.93 15.09
N GLY B 86 5.11 -4.36 15.41
CA GLY B 86 4.70 -3.08 14.90
C GLY B 86 4.09 -3.28 13.53
N LEU B 87 3.57 -2.16 13.02
CA LEU B 87 3.10 -2.17 11.66
C LEU B 87 4.34 -2.10 10.75
N THR B 88 4.50 -3.11 9.91
CA THR B 88 5.63 -3.23 9.02
C THR B 88 5.12 -3.29 7.60
N PRO B 89 5.85 -2.73 6.64
CA PRO B 89 5.37 -2.67 5.27
C PRO B 89 5.20 -4.05 4.68
N PHE B 90 4.19 -4.17 3.83
CA PHE B 90 3.90 -5.41 3.16
C PHE B 90 4.55 -5.32 1.80
N THR B 91 5.85 -5.57 1.76
CA THR B 91 6.59 -5.34 0.52
C THR B 91 7.73 -6.33 0.36
N PRO B 92 8.19 -6.55 -0.86
CA PRO B 92 9.33 -7.46 -1.10
C PRO B 92 10.57 -7.09 -0.28
N GLU B 93 10.87 -5.81 -0.20
CA GLU B 93 12.02 -5.34 0.57
C GLU B 93 11.93 -5.71 2.05
N GLU B 94 10.70 -5.86 2.59
CA GLU B 94 10.51 -6.28 3.96
C GLU B 94 10.26 -7.76 4.06
N GLY B 95 10.47 -8.48 2.96
CA GLY B 95 10.54 -9.92 3.05
C GLY B 95 9.21 -10.61 2.82
N VAL B 96 8.31 -9.95 2.12
CA VAL B 96 7.02 -10.53 1.76
C VAL B 96 6.86 -10.55 0.25
N TRP B 97 6.48 -11.71 -0.29
CA TRP B 97 6.23 -11.88 -1.72
C TRP B 97 4.86 -12.52 -1.87
N ALA B 98 3.91 -11.70 -2.28
CA ALA B 98 2.53 -12.05 -2.10
C ALA B 98 1.63 -11.47 -3.18
N LEU B 99 0.50 -12.16 -3.35
CA LEU B 99 -0.64 -11.62 -4.07
C LEU B 99 -1.65 -11.06 -3.09
N GLN B 100 -2.52 -10.19 -3.56
CA GLN B 100 -3.47 -9.50 -2.71
C GLN B 100 -4.75 -9.19 -3.48
N LEU B 101 -5.87 -9.19 -2.74
CA LEU B 101 -7.16 -8.72 -3.29
C LEU B 101 -7.50 -7.46 -2.48
N ASN B 102 -7.51 -6.32 -3.14
CA ASN B 102 -7.73 -4.99 -2.49
C ASN B 102 -8.41 -4.07 -3.53
N GLY B 103 -9.71 -3.67 -3.38
CA GLY B 103 -10.46 -2.85 -4.38
C GLY B 103 -11.11 -3.65 -5.49
N GLY B 104 -11.49 -4.88 -5.23
CA GLY B 104 -12.06 -5.74 -6.28
C GLY B 104 -11.00 -6.00 -7.30
N GLN B 105 -9.75 -5.67 -6.94
CA GLN B 105 -8.62 -5.84 -7.88
C GLN B 105 -7.57 -6.79 -7.30
N TYR B 106 -7.10 -7.69 -8.13
CA TYR B 106 -6.00 -8.57 -7.76
C TYR B 106 -4.67 -7.92 -8.08
N TRP B 107 -3.72 -8.08 -7.14
CA TRP B 107 -2.41 -7.48 -7.27
C TRP B 107 -1.31 -8.45 -6.94
N ALA B 108 -0.17 -8.31 -7.59
CA ALA B 108 1.10 -8.72 -7.02
C ALA B 108 1.61 -7.54 -6.22
N VAL B 109 2.02 -7.79 -5.00
CA VAL B 109 2.39 -6.69 -4.12
C VAL B 109 3.86 -6.33 -4.35
N THR B 110 4.08 -5.59 -5.44
CA THR B 110 5.33 -4.94 -5.73
C THR B 110 5.34 -3.56 -5.09
N SER B 111 6.52 -2.93 -5.03
CA SER B 111 6.63 -1.65 -4.37
C SER B 111 7.68 -0.85 -5.13
N PRO B 112 7.54 0.46 -5.35
CA PRO B 112 6.46 1.26 -4.75
C PRO B 112 5.10 1.25 -5.44
N GLU B 113 5.00 0.52 -6.54
CA GLU B 113 3.69 0.42 -7.23
C GLU B 113 3.23 -1.03 -7.28
N ARG B 114 2.01 -1.26 -6.81
CA ARG B 114 1.43 -2.61 -6.88
C ARG B 114 1.23 -2.96 -8.36
N SER B 115 1.31 -4.25 -8.69
CA SER B 115 1.17 -4.69 -10.05
C SER B 115 -0.20 -5.31 -10.21
N PRO B 116 -1.07 -4.80 -11.10
CA PRO B 116 -2.36 -5.40 -11.32
C PRO B 116 -2.20 -6.71 -12.09
N LEU B 117 -2.98 -7.71 -11.70
CA LEU B 117 -2.94 -8.99 -12.41
C LEU B 117 -3.90 -9.07 -13.59
N SER B 118 -5.05 -8.42 -13.48
CA SER B 118 -6.06 -8.47 -14.54
C SER B 118 -6.37 -9.91 -14.96
N CYS B 119 -6.53 -10.77 -13.97
CA CYS B 119 -6.58 -12.21 -14.13
C CYS B 119 -8.02 -12.72 -14.11
N GLY B 120 -8.98 -11.89 -13.71
CA GLY B 120 -10.33 -12.39 -13.48
C GLY B 120 -10.45 -13.10 -12.15
N HIS B 121 -11.66 -13.57 -11.84
CA HIS B 121 -11.97 -14.10 -10.53
C HIS B 121 -11.10 -15.33 -10.22
N LEU B 122 -10.55 -15.37 -8.99
CA LEU B 122 -9.82 -16.51 -8.47
C LEU B 122 -10.61 -17.20 -7.38
N SER B 123 -10.54 -18.54 -7.35
CA SER B 123 -11.14 -19.33 -6.30
CA SER B 123 -11.13 -19.32 -6.28
C SER B 123 -10.05 -20.08 -5.53
N ARG B 124 -9.03 -20.57 -6.26
CA ARG B 124 -7.98 -21.31 -5.61
C ARG B 124 -6.71 -21.02 -6.39
N VAL B 125 -5.62 -20.87 -5.64
CA VAL B 125 -4.36 -20.50 -6.22
C VAL B 125 -3.28 -21.45 -5.73
N ARG B 126 -2.49 -21.92 -6.69
CA ARG B 126 -1.36 -22.76 -6.37
C ARG B 126 -0.15 -21.85 -6.21
N VAL B 127 0.56 -22.04 -5.09
CA VAL B 127 1.79 -21.34 -4.84
C VAL B 127 2.91 -22.37 -5.05
N ALA B 128 3.86 -22.01 -5.91
CA ALA B 128 5.01 -22.87 -6.19
C ALA B 128 6.27 -22.13 -5.79
N LEU B 129 6.89 -22.62 -4.72
CA LEU B 129 8.11 -22.02 -4.22
C LEU B 129 9.29 -22.85 -4.70
N ASP B 130 10.24 -22.16 -5.35
CA ASP B 130 11.40 -22.83 -5.92
C ASP B 130 12.65 -22.20 -5.33
N LEU B 131 13.23 -22.88 -4.35
CA LEU B 131 14.38 -22.35 -3.66
C LEU B 131 15.67 -22.80 -4.31
N GLU B 132 15.60 -23.55 -5.40
CA GLU B 132 16.80 -23.83 -6.17
C GLU B 132 17.05 -22.65 -7.10
N VAL B 133 15.99 -22.26 -7.84
CA VAL B 133 16.07 -21.17 -8.80
C VAL B 133 15.98 -19.85 -8.08
N GLY B 134 15.18 -19.79 -7.02
CA GLY B 134 14.91 -18.52 -6.39
C GLY B 134 13.70 -17.82 -7.00
N ALA B 135 12.55 -18.47 -6.83
CA ALA B 135 11.32 -17.92 -7.38
C ALA B 135 10.14 -18.38 -6.56
N VAL B 136 9.11 -17.56 -6.59
CA VAL B 136 7.82 -17.99 -6.10
C VAL B 136 6.78 -17.59 -7.15
N SER B 137 5.97 -18.55 -7.53
CA SER B 137 5.04 -18.40 -8.63
C SER B 137 3.64 -18.73 -8.13
N PHE B 138 2.68 -18.12 -8.76
CA PHE B 138 1.27 -18.27 -8.41
C PHE B 138 0.49 -18.64 -9.67
N TYR B 139 -0.42 -19.62 -9.54
CA TYR B 139 -1.24 -20.05 -10.67
C TYR B 139 -2.69 -20.13 -10.20
N ALA B 140 -3.62 -19.82 -11.09
CA ALA B 140 -5.03 -20.04 -10.84
C ALA B 140 -5.33 -21.50 -11.09
N VAL B 141 -5.95 -22.18 -10.14
CA VAL B 141 -6.10 -23.64 -10.25
C VAL B 141 -7.09 -24.00 -11.35
N GLU B 142 -8.06 -23.12 -11.64
CA GLU B 142 -9.11 -23.43 -12.61
C GLU B 142 -8.48 -23.96 -13.89
N ASP B 143 -7.53 -23.19 -14.41
CA ASP B 143 -6.98 -23.48 -15.73
C ASP B 143 -5.46 -23.39 -15.69
N MET B 144 -4.87 -23.30 -14.48
CA MET B 144 -3.44 -23.29 -14.29
C MET B 144 -2.76 -22.13 -15.02
N ARG B 145 -3.50 -21.06 -15.22
CA ARG B 145 -2.88 -19.90 -15.82
C ARG B 145 -1.96 -19.25 -14.81
N HIS B 146 -0.85 -18.75 -15.33
CA HIS B 146 0.19 -18.16 -14.53
C HIS B 146 -0.22 -16.74 -14.18
N LEU B 147 -0.19 -16.48 -12.90
CA LEU B 147 -0.61 -15.19 -12.38
C LEU B 147 0.59 -14.27 -12.21
N TYR B 148 1.64 -14.76 -11.58
CA TYR B 148 2.76 -13.91 -11.27
C TYR B 148 3.91 -14.77 -10.77
N THR B 149 5.15 -14.30 -11.02
CA THR B 149 6.33 -14.86 -10.42
C THR B 149 7.21 -13.74 -9.87
N PHE B 150 7.62 -13.90 -8.61
CA PHE B 150 8.68 -13.09 -8.02
C PHE B 150 9.97 -13.88 -8.14
N ARG B 151 11.02 -13.23 -8.60
CA ARG B 151 12.34 -13.82 -8.66
C ARG B 151 13.17 -13.21 -7.54
N VAL B 152 13.70 -14.07 -6.67
CA VAL B 152 14.30 -13.60 -5.44
C VAL B 152 15.54 -14.41 -5.13
N ASN B 153 16.56 -13.70 -4.67
CA ASN B 153 17.76 -14.29 -4.14
C ASN B 153 17.50 -14.70 -2.70
N PHE B 154 16.67 -15.71 -2.48
CA PHE B 154 16.36 -16.13 -1.12
C PHE B 154 17.63 -16.62 -0.42
N GLN B 155 17.80 -16.20 0.82
CA GLN B 155 19.00 -16.51 1.56
C GLN B 155 18.68 -17.00 2.97
N GLU B 156 17.41 -17.28 3.25
CA GLU B 156 17.08 -17.91 4.51
C GLU B 156 15.82 -18.76 4.34
N ARG B 157 15.29 -19.24 5.47
CA ARG B 157 14.15 -20.13 5.42
C ARG B 157 12.95 -19.26 5.06
N VAL B 158 12.12 -19.80 4.19
CA VAL B 158 10.98 -19.09 3.64
C VAL B 158 9.73 -19.84 4.08
N PHE B 159 8.77 -19.09 4.57
CA PHE B 159 7.56 -19.60 5.12
C PHE B 159 6.35 -19.19 4.30
N PRO B 160 5.40 -20.10 4.09
CA PRO B 160 4.08 -19.66 3.63
C PRO B 160 3.50 -18.61 4.56
N LEU B 161 2.94 -17.56 3.93
CA LEU B 161 2.40 -16.38 4.58
C LEU B 161 0.96 -16.16 4.18
N PHE B 162 0.16 -15.74 5.16
CA PHE B 162 -1.23 -15.45 4.96
C PHE B 162 -1.53 -14.17 5.72
N SER B 163 -2.41 -13.37 5.16
CA SER B 163 -2.81 -12.11 5.81
C SER B 163 -4.25 -11.84 5.45
N VAL B 164 -5.03 -11.47 6.48
CA VAL B 164 -6.44 -11.11 6.25
C VAL B 164 -6.71 -9.85 7.05
N CYS B 165 -6.91 -8.73 6.38
CA CYS B 165 -6.98 -7.46 7.07
C CYS B 165 -8.37 -6.84 7.06
N SER B 166 -9.36 -7.59 6.59
CA SER B 166 -10.75 -7.18 6.56
CA SER B 166 -10.75 -7.17 6.63
C SER B 166 -11.62 -8.36 6.96
N THR B 167 -12.71 -8.09 7.64
CA THR B 167 -13.70 -9.12 7.93
C THR B 167 -14.39 -9.47 6.61
N GLY B 168 -14.98 -10.65 6.57
CA GLY B 168 -15.79 -10.98 5.41
C GLY B 168 -15.09 -11.76 4.32
N THR B 169 -13.80 -12.03 4.50
CA THR B 169 -13.07 -12.84 3.56
C THR B 169 -12.23 -13.84 4.33
N TYR B 170 -11.58 -14.71 3.58
CA TYR B 170 -10.83 -15.78 4.19
C TYR B 170 -9.73 -16.26 3.26
N LEU B 171 -8.85 -17.06 3.87
CA LEU B 171 -7.92 -17.91 3.14
C LEU B 171 -7.95 -19.29 3.78
N ARG B 172 -7.77 -20.32 2.97
CA ARG B 172 -7.71 -21.67 3.51
C ARG B 172 -6.72 -22.51 2.72
N ILE B 173 -5.82 -23.17 3.44
CA ILE B 173 -4.91 -24.10 2.81
C ILE B 173 -5.73 -25.29 2.36
N TRP B 174 -5.54 -25.72 1.09
CA TRP B 174 -6.33 -26.77 0.48
C TRP B 174 -5.38 -27.90 0.17
N PRO B 175 -5.82 -29.13 0.47
CA PRO B 175 -4.96 -30.29 0.34
C PRO B 175 -3.65 -29.89 -0.35
#